data_1DFH
#
_entry.id   1DFH
#
_cell.length_a   80.900
_cell.length_b   80.900
_cell.length_c   328.300
_cell.angle_alpha   90.00
_cell.angle_beta   90.00
_cell.angle_gamma   120.00
#
_symmetry.space_group_name_H-M   'P 61 2 2'
#
loop_
_entity.id
_entity.type
_entity.pdbx_description
1 polymer 'ENOYL ACYL CARRIER PROTEIN REDUCTASE'
2 non-polymer NICOTINAMIDE-ADENINE-DINUCLEOTIDE
3 non-polymer 6-METHYL-2(PROPANE-1-SULFONYL)-2H-THIENO[3,2-D][1,2,3]DIAZABORININ-1-OL
#
_entity_poly.entity_id   1
_entity_poly.type   'polypeptide(L)'
_entity_poly.pdbx_seq_one_letter_code
;GFLSGKRILVTGVASKLSIAYGIAQAMHREGAELAFTYQNDKLKGRVEEFAAQLGSDIVLQCDVAEDASIDTMFAELGKV
WPKFDGFVHSIGFAPGDQLDGDYVNAVTREGFKIAHDISSYSFVAMAKACRSMLNPGSALLTLSYLGAERAIPNYNVMGL
AKASLEANVRYMANAMGPEGVRVNAISAGPIRTLAASGIKDFRKMLAHCEAVTPIRRTVTIEDVGNSAAFLCSDLSAGIS
GEVVHVDGGFSIAAMNELELK
;
_entity_poly.pdbx_strand_id   A,B
#
loop_
_chem_comp.id
_chem_comp.type
_chem_comp.name
_chem_comp.formula
NAD non-polymer NICOTINAMIDE-ADENINE-DINUCLEOTIDE 'C21 H27 N7 O14 P2'
TDB non-polymer 6-METHYL-2(PROPANE-1-SULFONYL)-2H-THIENO[3,2-D][1,2,3]DIAZABORININ-1-OL 'C9 H13 B N2 O3 S2'
#
# COMPACT_ATOMS: atom_id res chain seq x y z
N GLY A 1 -16.65 -4.53 -32.97
CA GLY A 1 -15.89 -3.58 -32.16
C GLY A 1 -14.55 -4.17 -31.75
N PHE A 2 -13.77 -3.43 -30.99
CA PHE A 2 -12.49 -3.96 -30.65
C PHE A 2 -12.45 -4.99 -29.53
N LEU A 3 -13.61 -5.29 -28.93
CA LEU A 3 -13.73 -6.32 -27.90
C LEU A 3 -14.54 -7.53 -28.39
N SER A 4 -14.85 -7.52 -29.67
CA SER A 4 -15.61 -8.60 -30.24
C SER A 4 -14.90 -9.93 -30.00
N GLY A 5 -15.64 -10.88 -29.45
CA GLY A 5 -15.10 -12.19 -29.15
C GLY A 5 -14.54 -12.32 -27.72
N LYS A 6 -14.60 -11.26 -26.93
CA LYS A 6 -14.06 -11.37 -25.58
C LYS A 6 -15.18 -11.65 -24.60
N ARG A 7 -14.88 -12.44 -23.59
CA ARG A 7 -15.84 -12.70 -22.52
C ARG A 7 -15.28 -12.11 -21.24
N ILE A 8 -15.97 -11.12 -20.72
CA ILE A 8 -15.48 -10.38 -19.57
C ILE A 8 -16.44 -10.27 -18.39
N LEU A 9 -15.89 -10.49 -17.20
CA LEU A 9 -16.65 -10.36 -15.97
C LEU A 9 -16.54 -8.93 -15.36
N VAL A 10 -17.68 -8.31 -15.07
CA VAL A 10 -17.69 -6.97 -14.46
C VAL A 10 -18.28 -7.05 -13.03
N THR A 11 -17.48 -6.57 -12.06
CA THR A 11 -17.87 -6.50 -10.62
C THR A 11 -18.17 -5.04 -10.26
N GLY A 12 -18.85 -4.86 -9.15
CA GLY A 12 -19.18 -3.52 -8.60
C GLY A 12 -20.07 -2.71 -9.55
N VAL A 13 -21.17 -3.22 -10.13
CA VAL A 13 -22.31 -2.38 -10.56
C VAL A 13 -23.28 -2.23 -9.40
N ALA A 14 -23.52 -0.99 -8.99
CA ALA A 14 -24.46 -0.77 -7.91
C ALA A 14 -25.58 0.16 -8.35
N SER A 15 -25.30 0.98 -9.38
CA SER A 15 -26.28 1.93 -9.89
C SER A 15 -25.81 2.38 -11.26
N LYS A 16 -26.60 3.24 -11.92
CA LYS A 16 -26.22 3.72 -13.25
C LYS A 16 -25.12 4.73 -13.12
N LEU A 17 -24.84 5.14 -11.88
CA LEU A 17 -23.79 6.10 -11.61
C LEU A 17 -22.46 5.39 -11.41
N SER A 18 -22.52 4.09 -11.10
CA SER A 18 -21.31 3.32 -10.81
C SER A 18 -20.34 3.35 -11.97
N ILE A 19 -19.07 3.53 -11.67
CA ILE A 19 -18.06 3.51 -12.69
C ILE A 19 -18.15 2.22 -13.56
N ALA A 20 -18.41 1.08 -12.92
CA ALA A 20 -18.58 -0.22 -13.61
C ALA A 20 -19.73 -0.23 -14.67
N TYR A 21 -20.79 0.55 -14.40
CA TYR A 21 -21.89 0.67 -15.37
C TYR A 21 -21.34 1.31 -16.64
N GLY A 22 -20.51 2.34 -16.47
CA GLY A 22 -19.90 3.05 -17.59
C GLY A 22 -18.94 2.15 -18.34
N ILE A 23 -18.25 1.29 -17.60
CA ILE A 23 -17.32 0.38 -18.22
C ILE A 23 -18.08 -0.71 -18.98
N ALA A 24 -19.09 -1.27 -18.34
CA ALA A 24 -19.87 -2.29 -18.99
C ALA A 24 -20.51 -1.74 -20.29
N GLN A 25 -21.09 -0.54 -20.23
CA GLN A 25 -21.72 0.05 -21.41
C GLN A 25 -20.75 0.05 -22.57
N ALA A 26 -19.51 0.53 -22.30
CA ALA A 26 -18.56 0.79 -23.40
C ALA A 26 -18.02 -0.54 -23.95
N MET A 27 -17.83 -1.49 -23.07
CA MET A 27 -17.33 -2.82 -23.46
C MET A 27 -18.37 -3.53 -24.30
N HIS A 28 -19.61 -3.32 -23.92
CA HIS A 28 -20.71 -3.92 -24.63
C HIS A 28 -20.86 -3.26 -26.00
N ARG A 29 -20.62 -1.96 -26.07
CA ARG A 29 -20.68 -1.29 -27.36
C ARG A 29 -19.56 -1.78 -28.30
N GLU A 30 -18.46 -2.23 -27.72
CA GLU A 30 -17.36 -2.68 -28.54
C GLU A 30 -17.41 -4.15 -28.83
N GLY A 31 -18.48 -4.79 -28.41
CA GLY A 31 -18.70 -6.20 -28.74
C GLY A 31 -18.36 -7.30 -27.73
N ALA A 32 -17.95 -6.94 -26.53
CA ALA A 32 -17.59 -7.98 -25.59
C ALA A 32 -18.83 -8.70 -25.07
N GLU A 33 -18.67 -9.94 -24.65
CA GLU A 33 -19.77 -10.68 -23.98
C GLU A 33 -19.56 -10.46 -22.48
N LEU A 34 -20.61 -10.08 -21.77
CA LEU A 34 -20.49 -9.74 -20.35
C LEU A 34 -21.18 -10.65 -19.30
N ALA A 35 -20.63 -10.66 -18.10
CA ALA A 35 -21.21 -11.35 -16.95
C ALA A 35 -21.07 -10.35 -15.85
N PHE A 36 -21.90 -10.45 -14.84
CA PHE A 36 -21.94 -9.45 -13.80
C PHE A 36 -22.03 -10.10 -12.43
N THR A 37 -21.48 -9.46 -11.42
CA THR A 37 -21.65 -9.96 -10.06
C THR A 37 -22.36 -8.90 -9.26
N TYR A 38 -22.99 -9.31 -8.17
CA TYR A 38 -23.63 -8.36 -7.28
C TYR A 38 -23.26 -8.78 -5.86
N GLN A 39 -23.07 -7.78 -5.01
CA GLN A 39 -22.59 -8.02 -3.68
C GLN A 39 -23.57 -8.65 -2.74
N ASN A 40 -24.80 -8.18 -2.80
CA ASN A 40 -25.79 -8.68 -1.90
C ASN A 40 -27.17 -8.59 -2.52
N ASP A 41 -28.11 -9.22 -1.84
CA ASP A 41 -29.50 -9.30 -2.25
C ASP A 41 -30.14 -7.97 -2.52
N LYS A 42 -29.85 -6.97 -1.71
CA LYS A 42 -30.45 -5.67 -1.97
C LYS A 42 -30.04 -5.10 -3.34
N LEU A 43 -29.03 -5.68 -3.99
CA LEU A 43 -28.56 -5.16 -5.30
C LEU A 43 -28.96 -6.02 -6.49
N LYS A 44 -29.28 -7.28 -6.21
CA LYS A 44 -29.63 -8.26 -7.23
C LYS A 44 -30.54 -7.79 -8.35
N GLY A 45 -31.71 -7.29 -8.00
CA GLY A 45 -32.68 -6.86 -9.00
C GLY A 45 -32.05 -5.91 -10.00
N ARG A 46 -31.61 -4.77 -9.49
CA ARG A 46 -30.94 -3.72 -10.28
C ARG A 46 -29.96 -4.31 -11.31
N VAL A 47 -28.96 -4.98 -10.79
CA VAL A 47 -27.94 -5.55 -11.61
C VAL A 47 -28.54 -6.43 -12.67
N GLU A 48 -29.51 -7.25 -12.27
CA GLU A 48 -30.20 -8.15 -13.19
C GLU A 48 -30.87 -7.38 -14.29
N GLU A 49 -31.34 -6.19 -13.97
CA GLU A 49 -31.96 -5.33 -14.95
C GLU A 49 -30.91 -4.84 -15.95
N PHE A 50 -29.87 -4.19 -15.42
CA PHE A 50 -28.76 -3.70 -16.24
C PHE A 50 -28.16 -4.76 -17.15
N ALA A 51 -27.93 -5.95 -16.60
CA ALA A 51 -27.37 -7.04 -17.42
C ALA A 51 -28.27 -7.30 -18.63
N ALA A 52 -29.56 -7.38 -18.35
CA ALA A 52 -30.54 -7.65 -19.37
C ALA A 52 -30.40 -6.64 -20.45
N GLN A 53 -30.33 -5.37 -20.04
CA GLN A 53 -30.22 -4.27 -20.98
C GLN A 53 -28.95 -4.39 -21.80
N LEU A 54 -27.95 -5.10 -21.31
CA LEU A 54 -26.68 -5.21 -22.04
C LEU A 54 -26.50 -6.57 -22.64
N GLY A 55 -27.60 -7.29 -22.80
CA GLY A 55 -27.61 -8.60 -23.42
C GLY A 55 -26.96 -9.71 -22.63
N SER A 56 -27.05 -9.64 -21.31
CA SER A 56 -26.46 -10.68 -20.48
C SER A 56 -27.44 -11.28 -19.53
N ASP A 57 -27.36 -12.59 -19.36
CA ASP A 57 -28.16 -13.25 -18.36
C ASP A 57 -27.27 -13.93 -17.30
N ILE A 58 -25.95 -13.64 -17.35
CA ILE A 58 -25.05 -14.18 -16.34
C ILE A 58 -24.92 -13.14 -15.22
N VAL A 59 -25.62 -13.42 -14.12
CA VAL A 59 -25.67 -12.53 -12.97
C VAL A 59 -25.53 -13.30 -11.65
N LEU A 60 -24.34 -13.22 -11.07
CA LEU A 60 -23.97 -13.99 -9.89
C LEU A 60 -23.66 -13.14 -8.69
N GLN A 61 -23.99 -13.63 -7.50
CA GLN A 61 -23.69 -12.92 -6.28
C GLN A 61 -22.23 -13.15 -5.90
N CYS A 62 -21.59 -12.15 -5.32
CA CYS A 62 -20.23 -12.35 -4.88
C CYS A 62 -19.84 -11.31 -3.88
N ASP A 63 -19.48 -11.76 -2.69
CA ASP A 63 -18.99 -10.85 -1.67
C ASP A 63 -17.52 -11.18 -1.42
N VAL A 64 -16.65 -10.29 -1.87
CA VAL A 64 -15.20 -10.47 -1.78
C VAL A 64 -14.59 -10.57 -0.39
N ALA A 65 -15.40 -10.33 0.63
CA ALA A 65 -14.91 -10.48 2.00
C ALA A 65 -14.84 -11.98 2.31
N GLU A 66 -15.45 -12.80 1.45
CA GLU A 66 -15.57 -14.26 1.64
C GLU A 66 -14.90 -15.06 0.56
N ASP A 67 -13.91 -15.86 0.96
CA ASP A 67 -13.24 -16.73 0.02
C ASP A 67 -14.21 -17.67 -0.64
N ALA A 68 -15.04 -18.30 0.17
CA ALA A 68 -15.99 -19.27 -0.35
C ALA A 68 -16.94 -18.60 -1.31
N SER A 69 -17.26 -17.35 -1.02
CA SER A 69 -18.15 -16.62 -1.89
C SER A 69 -17.50 -16.51 -3.26
N ILE A 70 -16.22 -16.20 -3.27
CA ILE A 70 -15.51 -16.04 -4.52
C ILE A 70 -15.36 -17.35 -5.28
N ASP A 71 -15.07 -18.44 -4.57
CA ASP A 71 -14.91 -19.75 -5.18
C ASP A 71 -16.19 -20.21 -5.82
N THR A 72 -17.26 -20.08 -5.08
CA THR A 72 -18.57 -20.51 -5.52
C THR A 72 -18.99 -19.78 -6.78
N MET A 73 -18.74 -18.46 -6.83
CA MET A 73 -19.10 -17.66 -7.99
C MET A 73 -18.37 -18.12 -9.25
N PHE A 74 -17.08 -18.40 -9.14
CA PHE A 74 -16.33 -18.85 -10.30
C PHE A 74 -16.75 -20.28 -10.70
N ALA A 75 -17.22 -21.05 -9.73
CA ALA A 75 -17.68 -22.42 -9.98
C ALA A 75 -18.88 -22.31 -10.89
N GLU A 76 -19.81 -21.46 -10.48
CA GLU A 76 -21.02 -21.19 -11.25
C GLU A 76 -20.67 -20.62 -12.61
N LEU A 77 -19.83 -19.59 -12.63
CA LEU A 77 -19.43 -19.00 -13.90
C LEU A 77 -18.92 -20.09 -14.85
N GLY A 78 -18.04 -20.95 -14.35
CA GLY A 78 -17.43 -21.99 -15.15
C GLY A 78 -18.46 -22.90 -15.84
N LYS A 79 -19.67 -22.89 -15.31
CA LYS A 79 -20.74 -23.68 -15.89
C LYS A 79 -21.10 -23.16 -17.28
N VAL A 80 -20.88 -21.88 -17.50
CA VAL A 80 -21.24 -21.27 -18.75
C VAL A 80 -20.04 -20.76 -19.50
N TRP A 81 -19.04 -20.29 -18.76
CA TRP A 81 -17.82 -19.75 -19.33
C TRP A 81 -16.69 -20.54 -18.75
N PRO A 82 -16.45 -21.72 -19.30
CA PRO A 82 -15.38 -22.59 -18.80
C PRO A 82 -14.04 -21.83 -18.82
N LYS A 83 -13.89 -20.96 -19.81
CA LYS A 83 -12.70 -20.13 -19.96
C LYS A 83 -13.24 -18.77 -20.32
N PHE A 84 -12.52 -17.74 -19.90
CA PHE A 84 -12.92 -16.39 -20.25
C PHE A 84 -11.68 -15.48 -20.33
N ASP A 85 -11.91 -14.21 -20.60
CA ASP A 85 -10.82 -13.29 -20.90
C ASP A 85 -10.48 -12.20 -19.93
N GLY A 86 -10.92 -12.34 -18.69
CA GLY A 86 -10.54 -11.38 -17.66
C GLY A 86 -11.69 -10.78 -16.92
N PHE A 87 -11.37 -9.85 -16.03
CA PHE A 87 -12.40 -9.21 -15.27
C PHE A 87 -12.04 -7.79 -14.83
N VAL A 88 -13.08 -7.04 -14.51
CA VAL A 88 -12.96 -5.68 -14.05
C VAL A 88 -13.31 -5.63 -12.59
N HIS A 89 -12.38 -5.12 -11.82
CA HIS A 89 -12.49 -5.00 -10.38
C HIS A 89 -12.72 -3.51 -10.05
N SER A 90 -13.95 -3.21 -9.63
CA SER A 90 -14.42 -1.86 -9.35
C SER A 90 -15.15 -1.91 -7.98
N ILE A 91 -14.36 -2.27 -7.00
CA ILE A 91 -14.81 -2.57 -5.68
C ILE A 91 -13.91 -1.90 -4.66
N GLY A 92 -14.50 -1.48 -3.55
CA GLY A 92 -13.73 -0.89 -2.49
C GLY A 92 -14.63 -0.72 -1.28
N PHE A 93 -14.03 -0.47 -0.14
CA PHE A 93 -14.79 -0.21 1.06
C PHE A 93 -13.96 0.19 2.23
N ALA A 94 -14.57 1.02 3.08
CA ALA A 94 -14.05 1.35 4.39
C ALA A 94 -15.22 1.86 5.21
N PRO A 95 -15.16 1.61 6.52
CA PRO A 95 -16.19 2.09 7.43
C PRO A 95 -16.11 3.61 7.36
N GLY A 96 -17.26 4.27 7.39
CA GLY A 96 -17.37 5.74 7.23
C GLY A 96 -16.61 6.60 8.23
N ASP A 97 -16.46 6.10 9.44
CA ASP A 97 -15.73 6.85 10.48
C ASP A 97 -14.28 7.02 10.07
N GLN A 98 -13.85 6.23 9.11
CA GLN A 98 -12.51 6.32 8.70
C GLN A 98 -12.33 7.50 7.76
N LEU A 99 -13.40 7.90 7.12
CA LEU A 99 -13.29 8.89 6.09
C LEU A 99 -13.59 10.31 6.44
N ASP A 100 -13.31 10.72 7.67
CA ASP A 100 -13.64 12.07 8.08
C ASP A 100 -12.74 12.59 9.19
N GLY A 101 -12.01 13.66 8.88
CA GLY A 101 -11.13 14.27 9.85
C GLY A 101 -9.68 13.84 9.74
N ASP A 102 -8.89 14.28 10.73
CA ASP A 102 -7.47 13.95 10.91
C ASP A 102 -7.23 12.45 10.82
N TYR A 103 -6.41 12.09 9.84
CA TYR A 103 -6.09 10.70 9.59
C TYR A 103 -5.63 9.98 10.84
N VAL A 104 -4.61 10.51 11.50
CA VAL A 104 -4.09 9.88 12.68
C VAL A 104 -5.16 9.64 13.72
N ASN A 105 -6.05 10.57 13.89
CA ASN A 105 -7.06 10.34 14.90
C ASN A 105 -8.09 9.37 14.47
N ALA A 106 -8.43 9.39 13.19
CA ALA A 106 -9.53 8.57 12.69
C ALA A 106 -9.19 7.09 12.54
N VAL A 107 -7.95 6.82 12.15
CA VAL A 107 -7.56 5.47 11.86
C VAL A 107 -7.60 4.46 13.01
N THR A 108 -8.15 3.30 12.74
CA THR A 108 -8.17 2.23 13.71
C THR A 108 -7.64 0.97 13.08
N ARG A 109 -7.17 0.04 13.91
CA ARG A 109 -6.63 -1.21 13.42
C ARG A 109 -7.63 -1.95 12.56
N GLU A 110 -8.86 -2.00 13.02
CA GLU A 110 -9.92 -2.69 12.30
C GLU A 110 -10.27 -1.97 10.99
N GLY A 111 -10.39 -0.65 11.07
CA GLY A 111 -10.72 0.12 9.88
C GLY A 111 -9.62 -0.11 8.86
N PHE A 112 -8.39 -0.05 9.32
CA PHE A 112 -7.26 -0.24 8.45
C PHE A 112 -7.40 -1.60 7.76
N LYS A 113 -7.63 -2.61 8.57
CA LYS A 113 -7.73 -3.98 8.10
C LYS A 113 -8.80 -4.17 7.04
N ILE A 114 -9.99 -3.73 7.35
CA ILE A 114 -11.09 -3.88 6.43
C ILE A 114 -10.80 -3.18 5.12
N ALA A 115 -10.36 -1.93 5.20
CA ALA A 115 -10.12 -1.16 3.99
C ALA A 115 -9.14 -1.87 3.04
N HIS A 116 -8.07 -2.42 3.58
CA HIS A 116 -7.09 -3.11 2.76
C HIS A 116 -7.61 -4.47 2.31
N ASP A 117 -8.40 -5.12 3.14
CA ASP A 117 -8.90 -6.43 2.76
C ASP A 117 -9.83 -6.31 1.57
N ILE A 118 -10.82 -5.44 1.69
CA ILE A 118 -11.83 -5.30 0.63
C ILE A 118 -11.34 -4.51 -0.58
N SER A 119 -10.58 -3.48 -0.32
CA SER A 119 -10.11 -2.65 -1.41
C SER A 119 -8.86 -3.12 -2.11
N SER A 120 -8.08 -3.98 -1.48
CA SER A 120 -6.86 -4.41 -2.15
C SER A 120 -6.72 -5.92 -2.31
N TYR A 121 -6.83 -6.65 -1.21
CA TYR A 121 -6.67 -8.08 -1.27
C TYR A 121 -7.63 -8.69 -2.24
N SER A 122 -8.87 -8.21 -2.24
CA SER A 122 -9.90 -8.79 -3.11
C SER A 122 -9.47 -8.90 -4.57
N PHE A 123 -8.60 -8.01 -5.01
CA PHE A 123 -8.18 -8.04 -6.39
C PHE A 123 -7.35 -9.29 -6.70
N VAL A 124 -6.45 -9.66 -5.80
CA VAL A 124 -5.63 -10.83 -6.10
C VAL A 124 -6.39 -12.10 -5.70
N ALA A 125 -7.28 -11.98 -4.73
CA ALA A 125 -8.09 -13.12 -4.35
C ALA A 125 -8.88 -13.60 -5.58
N MET A 126 -9.50 -12.66 -6.30
CA MET A 126 -10.24 -13.03 -7.47
C MET A 126 -9.37 -13.73 -8.51
N ALA A 127 -8.18 -13.16 -8.76
CA ALA A 127 -7.25 -13.71 -9.74
C ALA A 127 -6.86 -15.09 -9.31
N LYS A 128 -6.57 -15.24 -8.03
CA LYS A 128 -6.17 -16.52 -7.52
C LYS A 128 -7.28 -17.52 -7.83
N ALA A 129 -8.51 -17.11 -7.64
CA ALA A 129 -9.58 -18.04 -7.84
C ALA A 129 -9.91 -18.43 -9.28
N CYS A 130 -9.59 -17.59 -10.27
CA CYS A 130 -9.94 -17.93 -11.66
C CYS A 130 -8.76 -18.14 -12.61
N ARG A 131 -7.56 -18.15 -12.05
CA ARG A 131 -6.34 -18.24 -12.83
C ARG A 131 -6.38 -19.26 -13.97
N SER A 132 -6.79 -20.47 -13.63
CA SER A 132 -6.81 -21.58 -14.57
C SER A 132 -7.92 -21.45 -15.61
N MET A 133 -8.85 -20.53 -15.40
CA MET A 133 -9.93 -20.32 -16.34
C MET A 133 -9.61 -19.27 -17.39
N LEU A 134 -8.52 -18.55 -17.18
CA LEU A 134 -8.21 -17.45 -18.08
C LEU A 134 -7.60 -17.84 -19.39
N ASN A 135 -8.03 -17.21 -20.49
CA ASN A 135 -7.40 -17.47 -21.80
C ASN A 135 -6.11 -16.68 -21.94
N PRO A 136 -5.27 -17.10 -22.87
CA PRO A 136 -4.05 -16.40 -23.19
C PRO A 136 -4.55 -15.14 -23.84
N GLY A 137 -3.94 -14.02 -23.52
CA GLY A 137 -4.41 -12.75 -24.02
C GLY A 137 -5.40 -12.08 -23.06
N SER A 138 -5.63 -12.66 -21.87
CA SER A 138 -6.57 -12.06 -20.89
C SER A 138 -6.03 -10.80 -20.22
N ALA A 139 -6.94 -9.98 -19.68
CA ALA A 139 -6.56 -8.75 -19.00
C ALA A 139 -7.42 -8.50 -17.77
N LEU A 140 -6.79 -7.99 -16.72
CA LEU A 140 -7.48 -7.70 -15.47
C LEU A 140 -7.33 -6.23 -15.27
N LEU A 141 -8.38 -5.61 -14.73
CA LEU A 141 -8.35 -4.19 -14.53
C LEU A 141 -8.94 -3.79 -13.21
N THR A 142 -8.29 -2.84 -12.56
CA THR A 142 -8.80 -2.31 -11.32
C THR A 142 -8.85 -0.78 -11.32
N LEU A 143 -9.62 -0.21 -10.41
CA LEU A 143 -9.80 1.23 -10.36
C LEU A 143 -9.07 1.82 -9.17
N SER A 144 -8.11 2.69 -9.39
CA SER A 144 -7.44 3.32 -8.28
C SER A 144 -7.84 4.77 -8.19
N TYR A 145 -7.09 5.53 -7.36
CA TYR A 145 -7.30 6.99 -7.12
C TYR A 145 -6.01 7.67 -6.63
N LEU A 146 -5.81 8.93 -7.05
CA LEU A 146 -4.60 9.71 -6.71
C LEU A 146 -4.20 9.67 -5.22
N GLY A 147 -5.17 9.40 -4.35
CA GLY A 147 -4.91 9.26 -2.93
C GLY A 147 -3.82 8.23 -2.64
N ALA A 148 -3.55 7.33 -3.59
CA ALA A 148 -2.48 6.33 -3.40
C ALA A 148 -1.11 6.96 -3.52
N GLU A 149 -1.04 8.13 -4.19
CA GLU A 149 0.23 8.81 -4.43
C GLU A 149 0.48 10.04 -3.58
N ARG A 150 -0.59 10.67 -3.15
CA ARG A 150 -0.51 11.89 -2.37
C ARG A 150 -1.48 11.85 -1.23
N ALA A 151 -1.14 12.58 -0.19
CA ALA A 151 -1.97 12.69 1.00
C ALA A 151 -3.10 13.61 0.67
N ILE A 152 -4.31 13.11 0.76
CA ILE A 152 -5.47 13.89 0.43
C ILE A 152 -6.34 13.96 1.68
N PRO A 153 -6.82 15.13 2.03
CA PRO A 153 -7.64 15.23 3.26
C PRO A 153 -8.91 14.33 3.23
N ASN A 154 -9.24 13.75 4.38
CA ASN A 154 -10.40 12.84 4.50
C ASN A 154 -10.32 11.49 3.78
N TYR A 155 -9.56 11.40 2.70
CA TYR A 155 -9.46 10.10 2.03
C TYR A 155 -8.79 9.14 3.00
N ASN A 156 -7.91 9.68 3.82
CA ASN A 156 -7.33 8.90 4.90
C ASN A 156 -6.82 7.49 4.58
N VAL A 157 -7.43 6.47 5.28
CA VAL A 157 -6.73 5.19 5.15
C VAL A 157 -6.99 4.57 3.77
N MET A 158 -7.97 5.06 3.05
CA MET A 158 -8.23 4.53 1.70
C MET A 158 -6.97 4.73 0.86
N GLY A 159 -6.26 5.80 1.18
CA GLY A 159 -5.01 6.15 0.49
C GLY A 159 -4.02 5.00 0.62
N LEU A 160 -3.89 4.46 1.81
CA LEU A 160 -2.95 3.36 2.04
C LEU A 160 -3.42 2.11 1.32
N ALA A 161 -4.73 1.90 1.33
CA ALA A 161 -5.30 0.73 0.69
C ALA A 161 -5.14 0.80 -0.82
N LYS A 162 -5.29 2.00 -1.40
CA LYS A 162 -5.10 2.13 -2.82
C LYS A 162 -3.62 1.99 -3.22
N ALA A 163 -2.72 2.37 -2.32
CA ALA A 163 -1.30 2.23 -2.61
C ALA A 163 -0.99 0.74 -2.66
N SER A 164 -1.54 0.03 -1.68
CA SER A 164 -1.38 -1.41 -1.60
C SER A 164 -1.93 -1.98 -2.93
N LEU A 165 -3.12 -1.55 -3.31
CA LEU A 165 -3.71 -2.01 -4.55
C LEU A 165 -2.79 -1.78 -5.76
N GLU A 166 -2.19 -0.60 -5.88
CA GLU A 166 -1.33 -0.31 -7.06
C GLU A 166 -0.10 -1.19 -7.08
N ALA A 167 0.38 -1.55 -5.89
CA ALA A 167 1.52 -2.47 -5.83
C ALA A 167 1.03 -3.86 -6.23
N ASN A 168 -0.19 -4.20 -5.82
CA ASN A 168 -0.80 -5.48 -6.18
C ASN A 168 -0.81 -5.61 -7.71
N VAL A 169 -1.12 -4.51 -8.42
CA VAL A 169 -1.13 -4.53 -9.88
C VAL A 169 0.22 -4.91 -10.43
N ARG A 170 1.25 -4.33 -9.86
CA ARG A 170 2.60 -4.61 -10.32
C ARG A 170 3.02 -6.03 -10.01
N TYR A 171 2.71 -6.49 -8.81
CA TYR A 171 3.11 -7.84 -8.42
C TYR A 171 2.35 -8.88 -9.24
N MET A 172 1.06 -8.65 -9.45
CA MET A 172 0.24 -9.54 -10.24
C MET A 172 0.72 -9.56 -11.70
N ALA A 173 0.93 -8.37 -12.25
CA ALA A 173 1.34 -8.27 -13.62
C ALA A 173 2.56 -9.08 -13.82
N ASN A 174 3.49 -8.98 -12.90
CA ASN A 174 4.76 -9.64 -13.05
C ASN A 174 4.60 -11.14 -12.96
N ALA A 175 3.70 -11.52 -12.10
CA ALA A 175 3.64 -12.96 -11.81
C ALA A 175 2.87 -13.71 -12.90
N MET A 176 1.88 -13.05 -13.48
CA MET A 176 1.01 -13.72 -14.47
C MET A 176 1.34 -13.36 -15.93
N GLY A 177 2.28 -12.46 -16.12
CA GLY A 177 2.69 -12.03 -17.47
C GLY A 177 3.01 -13.24 -18.34
N PRO A 178 3.87 -14.09 -17.85
CA PRO A 178 4.42 -15.18 -18.67
C PRO A 178 3.36 -16.17 -19.14
N GLU A 179 2.23 -16.22 -18.45
CA GLU A 179 1.11 -17.09 -18.86
C GLU A 179 0.25 -16.39 -19.89
N GLY A 180 0.52 -15.10 -20.17
CA GLY A 180 -0.28 -14.32 -21.14
C GLY A 180 -1.43 -13.48 -20.53
N VAL A 181 -1.31 -13.06 -19.29
CA VAL A 181 -2.36 -12.29 -18.65
C VAL A 181 -1.80 -10.94 -18.32
N ARG A 182 -2.53 -9.87 -18.68
CA ARG A 182 -2.06 -8.52 -18.40
C ARG A 182 -2.89 -7.95 -17.25
N VAL A 183 -2.29 -7.04 -16.49
CA VAL A 183 -2.93 -6.48 -15.29
C VAL A 183 -2.59 -4.99 -15.20
N ASN A 184 -3.60 -4.14 -15.14
CA ASN A 184 -3.38 -2.71 -15.10
C ASN A 184 -4.39 -2.03 -14.21
N ALA A 185 -4.14 -0.81 -13.98
CA ALA A 185 -5.15 -0.04 -13.24
C ALA A 185 -5.38 1.31 -13.90
N ILE A 186 -6.53 1.84 -13.61
CA ILE A 186 -6.90 3.18 -14.04
C ILE A 186 -7.08 4.03 -12.80
N SER A 187 -6.35 5.10 -12.74
CA SER A 187 -6.46 6.02 -11.62
C SER A 187 -7.34 7.20 -12.02
N ALA A 188 -8.62 7.04 -11.77
CA ALA A 188 -9.58 8.00 -12.26
C ALA A 188 -9.73 9.22 -11.36
N GLY A 189 -10.10 10.32 -11.99
CA GLY A 189 -10.33 11.53 -11.27
C GLY A 189 -11.68 11.40 -10.61
N PRO A 190 -11.98 12.35 -9.73
CA PRO A 190 -13.25 12.36 -9.05
C PRO A 190 -14.36 12.53 -10.08
N ILE A 191 -15.40 11.75 -9.95
CA ILE A 191 -16.45 11.78 -10.91
C ILE A 191 -17.70 12.38 -10.36
N ARG A 192 -18.21 13.38 -11.05
CA ARG A 192 -19.39 14.02 -10.59
C ARG A 192 -20.58 13.14 -10.46
N THR A 193 -21.12 13.14 -9.26
CA THR A 193 -22.26 12.33 -8.96
C THR A 193 -23.12 13.04 -7.91
N LEU A 194 -24.39 13.22 -8.23
CA LEU A 194 -25.34 13.88 -7.33
C LEU A 194 -25.54 13.04 -6.07
N ALA A 195 -25.37 11.73 -6.24
CA ALA A 195 -25.51 10.81 -5.13
C ALA A 195 -24.50 11.16 -4.03
N ALA A 196 -24.93 10.88 -2.79
CA ALA A 196 -24.15 11.19 -1.59
C ALA A 196 -22.98 10.23 -1.33
N SER A 197 -21.78 10.80 -1.29
CA SER A 197 -20.55 10.05 -1.05
C SER A 197 -20.23 9.94 0.41
N GLY A 198 -19.43 8.93 0.74
CA GLY A 198 -19.01 8.68 2.11
C GLY A 198 -17.80 9.50 2.48
N ILE A 199 -17.14 10.05 1.47
CA ILE A 199 -15.96 10.86 1.67
C ILE A 199 -16.33 12.28 2.03
N LYS A 200 -15.88 12.72 3.21
CA LYS A 200 -16.14 14.05 3.71
C LYS A 200 -15.67 15.14 2.74
N ASP A 201 -16.61 16.02 2.38
CA ASP A 201 -16.41 17.17 1.47
C ASP A 201 -16.12 16.82 0.01
N PHE A 202 -16.52 15.65 -0.43
CA PHE A 202 -16.29 15.26 -1.82
C PHE A 202 -16.71 16.37 -2.81
N ARG A 203 -17.82 17.02 -2.53
CA ARG A 203 -18.28 18.06 -3.44
C ARG A 203 -17.20 19.09 -3.65
N LYS A 204 -16.58 19.54 -2.56
CA LYS A 204 -15.54 20.53 -2.65
C LYS A 204 -14.47 20.01 -3.59
N MET A 205 -13.98 18.79 -3.32
CA MET A 205 -12.97 18.17 -4.19
C MET A 205 -13.35 18.35 -5.64
N LEU A 206 -14.56 17.92 -5.98
CA LEU A 206 -15.08 18.07 -7.34
C LEU A 206 -14.90 19.50 -7.90
N ALA A 207 -15.42 20.47 -7.18
CA ALA A 207 -15.36 21.85 -7.61
C ALA A 207 -13.92 22.26 -7.90
N HIS A 208 -13.02 21.87 -7.01
CA HIS A 208 -11.64 22.28 -7.15
C HIS A 208 -11.07 21.72 -8.41
N CYS A 209 -11.27 20.43 -8.59
CA CYS A 209 -10.75 19.73 -9.73
C CYS A 209 -11.21 20.34 -11.05
N GLU A 210 -12.50 20.60 -11.17
CA GLU A 210 -13.01 21.18 -12.40
C GLU A 210 -12.19 22.40 -12.75
N ALA A 211 -11.92 23.21 -11.76
CA ALA A 211 -11.23 24.49 -11.97
C ALA A 211 -9.77 24.42 -12.37
N VAL A 212 -9.01 23.54 -11.74
CA VAL A 212 -7.58 23.50 -12.01
C VAL A 212 -7.12 22.38 -12.91
N THR A 213 -8.05 21.56 -13.38
CA THR A 213 -7.71 20.47 -14.27
C THR A 213 -7.43 21.04 -15.64
N PRO A 214 -6.30 20.66 -16.22
CA PRO A 214 -5.93 21.18 -17.53
C PRO A 214 -7.09 21.19 -18.49
N ILE A 215 -7.75 20.05 -18.69
CA ILE A 215 -8.87 20.01 -19.62
C ILE A 215 -10.09 20.76 -19.10
N ARG A 216 -9.97 21.30 -17.90
CA ARG A 216 -11.06 22.10 -17.36
C ARG A 216 -12.44 21.48 -17.19
N ARG A 217 -12.51 20.18 -16.88
CA ARG A 217 -13.79 19.52 -16.58
C ARG A 217 -13.44 18.28 -15.84
N THR A 218 -14.38 17.68 -15.14
CA THR A 218 -14.10 16.40 -14.50
C THR A 218 -14.39 15.34 -15.57
N VAL A 219 -13.78 14.17 -15.42
CA VAL A 219 -14.00 13.07 -16.35
C VAL A 219 -15.32 12.41 -16.00
N THR A 220 -15.85 11.65 -16.95
CA THR A 220 -17.12 11.00 -16.79
C THR A 220 -16.92 9.52 -16.75
N ILE A 221 -17.99 8.77 -16.48
CA ILE A 221 -17.87 7.32 -16.49
C ILE A 221 -17.69 6.82 -17.89
N GLU A 222 -18.02 7.66 -18.86
CA GLU A 222 -17.81 7.30 -20.26
C GLU A 222 -16.31 7.39 -20.58
N ASP A 223 -15.66 8.44 -20.09
CA ASP A 223 -14.22 8.61 -20.29
C ASP A 223 -13.50 7.40 -19.71
N VAL A 224 -13.88 7.06 -18.49
CA VAL A 224 -13.28 5.93 -17.80
C VAL A 224 -13.64 4.65 -18.51
N GLY A 225 -14.91 4.50 -18.84
CA GLY A 225 -15.37 3.32 -19.53
C GLY A 225 -14.59 3.10 -20.81
N ASN A 226 -14.35 4.16 -21.58
CA ASN A 226 -13.66 3.98 -22.85
C ASN A 226 -12.22 3.56 -22.64
N SER A 227 -11.55 4.14 -21.64
CA SER A 227 -10.15 3.75 -21.36
C SER A 227 -10.11 2.30 -20.90
N ALA A 228 -11.12 1.92 -20.10
CA ALA A 228 -11.21 0.56 -19.56
C ALA A 228 -11.38 -0.46 -20.69
N ALA A 229 -12.23 -0.13 -21.64
CA ALA A 229 -12.47 -1.02 -22.76
C ALA A 229 -11.18 -1.21 -23.52
N PHE A 230 -10.48 -0.11 -23.80
CA PHE A 230 -9.20 -0.22 -24.50
C PHE A 230 -8.18 -1.08 -23.72
N LEU A 231 -8.00 -0.77 -22.45
CA LEU A 231 -7.04 -1.51 -21.65
C LEU A 231 -7.40 -2.97 -21.51
N CYS A 232 -8.64 -3.32 -21.80
CA CYS A 232 -9.02 -4.73 -21.69
C CYS A 232 -8.99 -5.42 -23.04
N SER A 233 -8.70 -4.68 -24.10
CA SER A 233 -8.66 -5.23 -25.46
C SER A 233 -7.24 -5.54 -25.94
N ASP A 234 -7.16 -6.30 -27.01
CA ASP A 234 -5.86 -6.65 -27.55
C ASP A 234 -5.17 -5.42 -28.08
N LEU A 235 -5.91 -4.34 -28.19
CA LEU A 235 -5.31 -3.11 -28.66
C LEU A 235 -4.20 -2.66 -27.69
N SER A 236 -4.30 -3.01 -26.41
CA SER A 236 -3.26 -2.59 -25.44
C SER A 236 -2.30 -3.72 -25.05
N ALA A 237 -2.13 -4.68 -25.93
CA ALA A 237 -1.28 -5.79 -25.67
C ALA A 237 0.14 -5.43 -25.18
N GLY A 238 0.62 -4.22 -25.46
CA GLY A 238 1.98 -3.80 -25.05
C GLY A 238 1.99 -3.16 -23.65
N ILE A 239 0.82 -3.08 -23.02
CA ILE A 239 0.69 -2.44 -21.74
C ILE A 239 0.32 -3.41 -20.62
N SER A 240 1.15 -3.46 -19.59
CA SER A 240 0.90 -4.28 -18.44
C SER A 240 1.58 -3.75 -17.18
N GLY A 241 0.89 -3.88 -16.05
CA GLY A 241 1.43 -3.43 -14.78
C GLY A 241 1.41 -1.91 -14.65
N GLU A 242 0.61 -1.27 -15.47
CA GLU A 242 0.56 0.18 -15.50
C GLU A 242 -0.63 0.79 -14.78
N VAL A 243 -0.43 1.97 -14.20
CA VAL A 243 -1.51 2.70 -13.53
C VAL A 243 -1.76 3.91 -14.40
N VAL A 244 -2.81 3.85 -15.19
CA VAL A 244 -3.09 4.92 -16.13
C VAL A 244 -3.97 6.00 -15.54
N HIS A 245 -3.49 7.23 -15.49
CA HIS A 245 -4.30 8.29 -14.91
C HIS A 245 -5.32 8.80 -15.87
N VAL A 246 -6.58 8.68 -15.48
CA VAL A 246 -7.67 9.19 -16.30
C VAL A 246 -8.33 10.31 -15.48
N ASP A 247 -7.62 11.42 -15.35
CA ASP A 247 -8.10 12.51 -14.55
C ASP A 247 -8.03 13.85 -15.21
N GLY A 248 -7.91 13.88 -16.54
CA GLY A 248 -7.83 15.15 -17.29
C GLY A 248 -6.51 15.95 -17.13
N GLY A 249 -5.47 15.28 -16.66
CA GLY A 249 -4.17 15.93 -16.46
C GLY A 249 -4.01 16.57 -15.07
N PHE A 250 -5.02 16.37 -14.21
CA PHE A 250 -5.01 16.97 -12.85
C PHE A 250 -3.76 16.69 -12.04
N SER A 251 -3.35 15.44 -11.93
CA SER A 251 -2.19 15.15 -11.11
C SER A 251 -0.85 15.73 -11.59
N ILE A 252 -0.76 16.19 -12.83
CA ILE A 252 0.54 16.65 -13.37
C ILE A 252 0.81 18.13 -13.32
N ALA A 253 -0.15 18.88 -12.80
CA ALA A 253 0.01 20.30 -12.67
C ALA A 253 0.08 20.68 -11.20
N ALA A 254 0.50 21.90 -10.96
CA ALA A 254 0.56 22.40 -9.62
C ALA A 254 0.41 23.89 -9.62
N MET A 255 -0.29 24.38 -8.61
CA MET A 255 -0.52 25.79 -8.44
C MET A 255 -1.28 26.42 -9.59
N ASN A 256 -2.30 25.74 -10.11
CA ASN A 256 -3.08 26.36 -11.17
C ASN A 256 -3.88 27.59 -10.70
N GLU A 257 -3.57 28.05 -9.49
CA GLU A 257 -4.12 29.29 -8.87
C GLU A 257 -5.10 30.06 -9.75
N GLY B 1 27.08 16.37 19.57
CA GLY B 1 26.73 16.08 18.18
C GLY B 1 25.42 16.76 17.73
N PHE B 2 25.00 16.48 16.49
CA PHE B 2 23.77 17.09 16.01
C PHE B 2 22.43 16.55 16.56
N LEU B 3 22.49 15.57 17.44
CA LEU B 3 21.27 15.02 18.07
C LEU B 3 21.22 15.38 19.56
N SER B 4 22.27 16.04 20.02
CA SER B 4 22.42 16.48 21.41
C SER B 4 21.17 17.05 21.99
N GLY B 5 20.73 16.47 23.09
CA GLY B 5 19.55 16.99 23.75
C GLY B 5 18.29 16.37 23.20
N LYS B 6 18.40 15.51 22.22
CA LYS B 6 17.21 14.89 21.70
C LYS B 6 16.97 13.60 22.48
N ARG B 7 15.70 13.25 22.66
CA ARG B 7 15.31 11.97 23.29
C ARG B 7 14.53 11.08 22.30
N ILE B 8 15.11 9.97 21.88
CA ILE B 8 14.46 9.16 20.86
C ILE B 8 14.22 7.69 21.19
N LEU B 9 13.03 7.21 20.89
CA LEU B 9 12.70 5.80 21.11
C LEU B 9 13.06 4.98 19.88
N VAL B 10 13.85 3.98 20.07
CA VAL B 10 14.28 3.05 19.03
C VAL B 10 13.64 1.68 19.24
N THR B 11 12.94 1.21 18.20
CA THR B 11 12.29 -0.11 18.19
C THR B 11 12.99 -1.01 17.18
N GLY B 12 12.71 -2.29 17.31
CA GLY B 12 13.22 -3.34 16.41
C GLY B 12 14.74 -3.49 16.50
N VAL B 13 15.41 -3.52 17.65
CA VAL B 13 16.75 -4.12 17.82
C VAL B 13 16.54 -5.59 18.19
N ALA B 14 17.21 -6.47 17.45
CA ALA B 14 17.08 -7.90 17.68
C ALA B 14 18.48 -8.51 17.69
N SER B 15 19.42 -7.81 17.08
CA SER B 15 20.80 -8.27 17.07
C SER B 15 21.76 -7.17 16.64
N LYS B 16 23.04 -7.49 16.62
CA LYS B 16 24.03 -6.55 16.18
C LYS B 16 23.95 -6.35 14.69
N LEU B 17 23.12 -7.14 14.01
CA LEU B 17 22.95 -7.03 12.57
C LEU B 17 21.74 -6.22 12.26
N SER B 18 20.88 -6.03 13.27
CA SER B 18 19.64 -5.28 13.09
C SER B 18 19.93 -3.85 12.63
N ILE B 19 19.13 -3.37 11.70
CA ILE B 19 19.26 -2.04 11.17
C ILE B 19 19.16 -1.03 12.29
N ALA B 20 18.26 -1.29 13.24
CA ALA B 20 18.09 -0.37 14.38
C ALA B 20 19.31 -0.26 15.28
N TYR B 21 20.11 -1.31 15.32
CA TYR B 21 21.35 -1.25 16.11
C TYR B 21 22.24 -0.18 15.49
N GLY B 22 22.39 -0.23 14.15
CA GLY B 22 23.21 0.75 13.41
C GLY B 22 22.61 2.14 13.61
N ILE B 23 21.29 2.22 13.69
CA ILE B 23 20.66 3.50 13.92
C ILE B 23 20.94 3.99 15.36
N ALA B 24 20.68 3.16 16.36
CA ALA B 24 20.97 3.58 17.75
C ALA B 24 22.44 3.94 17.90
N GLN B 25 23.29 3.14 17.35
CA GLN B 25 24.69 3.42 17.47
C GLN B 25 25.04 4.82 16.97
N ALA B 26 24.60 5.14 15.77
CA ALA B 26 24.92 6.44 15.19
C ALA B 26 24.23 7.58 15.95
N MET B 27 23.01 7.36 16.37
CA MET B 27 22.29 8.39 17.05
C MET B 27 23.00 8.67 18.38
N HIS B 28 23.42 7.61 19.04
CA HIS B 28 24.09 7.78 20.30
C HIS B 28 25.40 8.55 20.10
N ARG B 29 26.11 8.26 19.02
CA ARG B 29 27.33 9.00 18.75
C ARG B 29 27.10 10.50 18.59
N GLU B 30 25.93 10.88 18.10
CA GLU B 30 25.63 12.28 17.80
C GLU B 30 25.00 12.98 18.97
N GLY B 31 24.89 12.26 20.07
CA GLY B 31 24.42 12.87 21.30
C GLY B 31 23.00 12.73 21.73
N ALA B 32 22.24 11.86 21.07
CA ALA B 32 20.84 11.64 21.48
C ALA B 32 20.79 10.79 22.76
N GLU B 33 19.68 10.90 23.49
CA GLU B 33 19.41 10.03 24.63
C GLU B 33 18.37 9.05 24.08
N LEU B 34 18.58 7.76 24.28
CA LEU B 34 17.71 6.73 23.71
C LEU B 34 16.97 5.85 24.66
N ALA B 35 15.93 5.23 24.13
CA ALA B 35 15.11 4.27 24.85
C ALA B 35 14.95 3.16 23.86
N PHE B 36 14.68 1.97 24.36
CA PHE B 36 14.57 0.81 23.50
C PHE B 36 13.35 0.01 23.83
N THR B 37 12.78 -0.65 22.81
CA THR B 37 11.67 -1.56 23.08
C THR B 37 12.16 -2.92 22.63
N TYR B 38 11.46 -3.97 23.07
CA TYR B 38 11.75 -5.32 22.61
C TYR B 38 10.44 -6.05 22.49
N GLN B 39 10.38 -6.91 21.49
CA GLN B 39 9.16 -7.61 21.16
C GLN B 39 8.68 -8.58 22.21
N ASN B 40 9.57 -9.40 22.75
CA ASN B 40 9.12 -10.42 23.67
C ASN B 40 10.26 -10.83 24.57
N ASP B 41 10.02 -11.88 25.38
CA ASP B 41 11.00 -12.38 26.33
C ASP B 41 12.25 -12.97 25.79
N LYS B 42 12.14 -13.62 24.64
CA LYS B 42 13.31 -14.16 24.02
C LYS B 42 14.36 -13.06 23.73
N LEU B 43 13.91 -11.85 23.39
CA LEU B 43 14.84 -10.75 23.02
C LEU B 43 15.28 -9.81 24.15
N LYS B 44 14.54 -9.80 25.24
CA LYS B 44 14.80 -8.87 26.32
C LYS B 44 16.26 -8.67 26.77
N GLY B 45 16.93 -9.76 27.11
CA GLY B 45 18.31 -9.66 27.57
C GLY B 45 19.30 -9.03 26.55
N ARG B 46 19.10 -9.32 25.26
CA ARG B 46 19.97 -8.82 24.21
C ARG B 46 19.77 -7.33 24.13
N VAL B 47 18.51 -6.92 24.17
CA VAL B 47 18.24 -5.52 24.07
C VAL B 47 18.77 -4.80 25.28
N GLU B 48 18.56 -5.38 26.46
CA GLU B 48 19.09 -4.77 27.64
C GLU B 48 20.61 -4.59 27.59
N GLU B 49 21.31 -5.57 27.08
CA GLU B 49 22.74 -5.43 26.98
C GLU B 49 23.13 -4.31 26.06
N PHE B 50 22.50 -4.20 24.90
CA PHE B 50 22.90 -3.15 23.94
C PHE B 50 22.59 -1.79 24.53
N ALA B 51 21.41 -1.69 25.14
CA ALA B 51 20.97 -0.44 25.72
C ALA B 51 22.00 0.10 26.74
N ALA B 52 22.48 -0.78 27.61
CA ALA B 52 23.47 -0.36 28.60
C ALA B 52 24.70 0.13 27.91
N GLN B 53 25.15 -0.62 26.92
CA GLN B 53 26.31 -0.24 26.14
C GLN B 53 26.12 1.18 25.63
N LEU B 54 24.90 1.53 25.29
CA LEU B 54 24.67 2.83 24.72
C LEU B 54 24.15 3.84 25.71
N GLY B 55 24.39 3.55 26.98
CA GLY B 55 24.05 4.48 28.05
C GLY B 55 22.58 4.58 28.44
N SER B 56 21.76 3.67 27.95
CA SER B 56 20.34 3.74 28.29
C SER B 56 19.88 2.60 29.16
N ASP B 57 18.94 2.90 30.05
CA ASP B 57 18.37 1.89 30.90
C ASP B 57 16.86 1.89 30.76
N ILE B 58 16.36 2.51 29.71
CA ILE B 58 14.94 2.51 29.46
C ILE B 58 14.74 1.41 28.40
N VAL B 59 14.30 0.25 28.84
CA VAL B 59 14.12 -0.90 27.95
C VAL B 59 12.77 -1.46 28.26
N LEU B 60 11.87 -1.29 27.32
CA LEU B 60 10.48 -1.66 27.51
C LEU B 60 10.03 -2.57 26.43
N GLN B 61 9.04 -3.37 26.76
CA GLN B 61 8.51 -4.33 25.84
C GLN B 61 7.37 -3.77 25.10
N CYS B 62 7.26 -4.17 23.84
CA CYS B 62 6.14 -3.73 23.01
C CYS B 62 5.92 -4.68 21.85
N ASP B 63 4.71 -5.23 21.75
CA ASP B 63 4.38 -6.07 20.61
C ASP B 63 3.34 -5.28 19.81
N VAL B 64 3.71 -4.80 18.63
CA VAL B 64 2.83 -3.96 17.85
C VAL B 64 1.53 -4.59 17.35
N ALA B 65 1.43 -5.91 17.48
CA ALA B 65 0.21 -6.63 17.11
C ALA B 65 -0.90 -6.28 18.08
N GLU B 66 -0.54 -5.73 19.24
CA GLU B 66 -1.51 -5.39 20.30
C GLU B 66 -1.57 -3.95 20.69
N ASP B 67 -2.77 -3.39 20.65
CA ASP B 67 -2.98 -2.03 21.01
C ASP B 67 -2.63 -1.83 22.48
N ALA B 68 -3.09 -2.74 23.32
CA ALA B 68 -2.82 -2.66 24.75
C ALA B 68 -1.32 -2.57 25.02
N SER B 69 -0.56 -3.40 24.32
CA SER B 69 0.88 -3.41 24.49
C SER B 69 1.52 -2.06 24.11
N ILE B 70 0.93 -1.36 23.16
CA ILE B 70 1.52 -0.10 22.73
C ILE B 70 1.25 0.97 23.77
N ASP B 71 0.02 0.99 24.25
CA ASP B 71 -0.42 1.95 25.23
C ASP B 71 0.37 1.78 26.49
N THR B 72 0.46 0.53 26.93
CA THR B 72 1.17 0.23 28.17
C THR B 72 2.60 0.73 28.08
N MET B 73 3.25 0.45 26.97
CA MET B 73 4.63 0.88 26.79
C MET B 73 4.75 2.42 26.89
N PHE B 74 3.88 3.14 26.23
CA PHE B 74 4.00 4.58 26.28
C PHE B 74 3.66 5.12 27.65
N ALA B 75 2.78 4.43 28.36
CA ALA B 75 2.43 4.82 29.72
C ALA B 75 3.66 4.67 30.60
N GLU B 76 4.45 3.63 30.37
CA GLU B 76 5.63 3.41 31.19
C GLU B 76 6.69 4.37 30.77
N LEU B 77 6.78 4.65 29.48
CA LEU B 77 7.81 5.54 28.99
C LEU B 77 7.57 6.93 29.56
N GLY B 78 6.30 7.30 29.65
CA GLY B 78 5.89 8.60 30.17
C GLY B 78 6.40 8.82 31.61
N LYS B 79 6.72 7.73 32.30
CA LYS B 79 7.21 7.84 33.67
C LYS B 79 8.56 8.57 33.69
N VAL B 80 9.42 8.26 32.71
CA VAL B 80 10.74 8.91 32.68
C VAL B 80 10.85 10.02 31.65
N TRP B 81 10.15 9.86 30.52
CA TRP B 81 10.17 10.80 29.40
C TRP B 81 8.76 11.27 29.11
N PRO B 82 8.25 12.13 29.96
CA PRO B 82 6.92 12.67 29.80
C PRO B 82 6.71 13.35 28.44
N LYS B 83 7.79 13.83 27.81
CA LYS B 83 7.73 14.38 26.46
C LYS B 83 8.95 13.87 25.79
N PHE B 84 8.88 13.58 24.50
CA PHE B 84 10.08 13.17 23.80
C PHE B 84 10.04 13.67 22.37
N ASP B 85 11.06 13.32 21.62
CA ASP B 85 11.23 13.88 20.31
C ASP B 85 11.05 12.93 19.13
N GLY B 86 10.34 11.83 19.31
CA GLY B 86 10.13 10.92 18.17
C GLY B 86 10.65 9.51 18.35
N PHE B 87 10.39 8.68 17.36
CA PHE B 87 10.83 7.30 17.42
C PHE B 87 11.19 6.76 16.05
N VAL B 88 11.97 5.70 16.06
CA VAL B 88 12.39 5.00 14.87
C VAL B 88 11.65 3.68 14.85
N HIS B 89 10.96 3.43 13.75
CA HIS B 89 10.14 2.27 13.61
C HIS B 89 10.85 1.37 12.61
N SER B 90 11.42 0.28 13.11
CA SER B 90 12.23 -0.63 12.27
C SER B 90 11.75 -2.06 12.49
N ILE B 91 10.47 -2.26 12.17
CA ILE B 91 9.73 -3.47 12.42
C ILE B 91 8.99 -3.91 11.18
N GLY B 92 8.91 -5.20 10.95
CA GLY B 92 8.11 -5.70 9.83
C GLY B 92 7.96 -7.16 10.11
N PHE B 93 7.01 -7.79 9.43
CA PHE B 93 6.80 -9.24 9.52
C PHE B 93 5.84 -9.78 8.48
N ALA B 94 6.08 -11.02 8.08
CA ALA B 94 5.18 -11.78 7.21
C ALA B 94 5.48 -13.27 7.44
N PRO B 95 4.47 -14.11 7.45
CA PRO B 95 4.68 -15.56 7.61
C PRO B 95 5.55 -16.09 6.48
N GLY B 96 6.41 -17.05 6.81
CA GLY B 96 7.37 -17.63 5.88
C GLY B 96 6.87 -17.95 4.47
N ASP B 97 5.78 -18.70 4.41
CA ASP B 97 5.19 -19.16 3.17
C ASP B 97 4.91 -18.05 2.20
N GLN B 98 4.80 -16.82 2.69
CA GLN B 98 4.41 -15.71 1.81
C GLN B 98 5.52 -15.25 0.89
N LEU B 99 6.76 -15.57 1.26
CA LEU B 99 7.93 -15.06 0.59
C LEU B 99 8.68 -16.05 -0.24
N ASP B 100 7.95 -16.96 -0.86
CA ASP B 100 8.64 -17.93 -1.69
C ASP B 100 7.78 -18.30 -2.89
N GLY B 101 8.33 -18.10 -4.08
CA GLY B 101 7.65 -18.44 -5.32
C GLY B 101 6.62 -17.44 -5.84
N ASP B 102 5.88 -17.88 -6.85
CA ASP B 102 4.83 -17.10 -7.49
C ASP B 102 4.01 -16.35 -6.44
N TYR B 103 3.96 -15.04 -6.61
CA TYR B 103 3.19 -14.16 -5.72
C TYR B 103 1.74 -14.57 -5.57
N VAL B 104 1.04 -14.68 -6.70
CA VAL B 104 -0.38 -15.01 -6.71
C VAL B 104 -0.64 -16.36 -6.07
N ASN B 105 0.23 -17.31 -6.29
CA ASN B 105 0.02 -18.60 -5.66
C ASN B 105 0.38 -18.54 -4.20
N ALA B 106 1.35 -17.73 -3.83
CA ALA B 106 1.79 -17.68 -2.43
C ALA B 106 0.86 -16.89 -1.48
N VAL B 107 0.26 -15.83 -2.01
CA VAL B 107 -0.52 -14.96 -1.18
C VAL B 107 -1.78 -15.55 -0.57
N THR B 108 -2.08 -15.16 0.66
CA THR B 108 -3.32 -15.59 1.28
C THR B 108 -3.92 -14.44 2.01
N ARG B 109 -5.23 -14.51 2.25
CA ARG B 109 -5.93 -13.45 2.99
C ARG B 109 -5.27 -13.18 4.33
N GLU B 110 -4.95 -14.24 5.06
CA GLU B 110 -4.33 -14.10 6.37
C GLU B 110 -2.95 -13.49 6.26
N GLY B 111 -2.16 -14.04 5.36
CA GLY B 111 -0.80 -13.58 5.16
C GLY B 111 -0.83 -12.09 4.84
N PHE B 112 -1.70 -11.72 3.90
CA PHE B 112 -1.81 -10.34 3.47
C PHE B 112 -2.06 -9.54 4.70
N LYS B 113 -3.00 -10.01 5.48
CA LYS B 113 -3.47 -9.32 6.66
C LYS B 113 -2.42 -9.07 7.74
N ILE B 114 -1.71 -10.11 8.10
CA ILE B 114 -0.68 -9.98 9.10
C ILE B 114 0.39 -9.02 8.56
N ALA B 115 0.82 -9.28 7.33
CA ALA B 115 1.84 -8.46 6.66
C ALA B 115 1.51 -6.98 6.75
N HIS B 116 0.30 -6.61 6.38
CA HIS B 116 -0.04 -5.20 6.41
C HIS B 116 -0.20 -4.71 7.84
N ASP B 117 -0.74 -5.57 8.69
CA ASP B 117 -0.96 -5.19 10.09
C ASP B 117 0.32 -4.80 10.83
N ILE B 118 1.24 -5.73 10.90
CA ILE B 118 2.48 -5.50 11.64
C ILE B 118 3.45 -4.56 10.90
N SER B 119 3.44 -4.62 9.57
CA SER B 119 4.38 -3.86 8.75
C SER B 119 3.97 -2.44 8.40
N SER B 120 2.67 -2.18 8.29
CA SER B 120 2.25 -0.84 7.98
C SER B 120 1.41 -0.22 9.08
N TYR B 121 0.32 -0.88 9.47
CA TYR B 121 -0.51 -0.28 10.51
C TYR B 121 0.28 0.13 11.80
N SER B 122 1.16 -0.74 12.25
CA SER B 122 1.94 -0.50 13.47
C SER B 122 2.62 0.90 13.53
N PHE B 123 2.95 1.46 12.38
CA PHE B 123 3.62 2.77 12.37
C PHE B 123 2.70 3.87 12.85
N VAL B 124 1.48 3.85 12.39
CA VAL B 124 0.58 4.90 12.77
C VAL B 124 -0.01 4.60 14.12
N ALA B 125 -0.09 3.31 14.45
CA ALA B 125 -0.65 2.91 15.73
C ALA B 125 0.25 3.48 16.82
N MET B 126 1.55 3.48 16.57
CA MET B 126 2.47 4.04 17.53
C MET B 126 2.35 5.55 17.65
N ALA B 127 2.18 6.21 16.51
CA ALA B 127 2.04 7.66 16.50
C ALA B 127 0.76 8.11 17.21
N LYS B 128 -0.31 7.37 16.99
CA LYS B 128 -1.59 7.71 17.60
C LYS B 128 -1.42 7.62 19.12
N ALA B 129 -0.76 6.57 19.56
CA ALA B 129 -0.57 6.38 20.97
C ALA B 129 0.29 7.38 21.65
N CYS B 130 1.23 8.01 20.98
CA CYS B 130 2.09 8.92 21.73
C CYS B 130 1.98 10.35 21.25
N ARG B 131 1.00 10.60 20.41
CA ARG B 131 0.91 11.93 19.81
C ARG B 131 1.07 13.05 20.81
N SER B 132 0.37 12.96 21.93
CA SER B 132 0.42 14.03 22.94
C SER B 132 1.77 14.22 23.63
N MET B 133 2.64 13.24 23.52
CA MET B 133 3.91 13.32 24.22
C MET B 133 5.03 13.89 23.39
N LEU B 134 4.75 14.22 22.14
CA LEU B 134 5.84 14.64 21.29
C LEU B 134 6.12 16.11 21.36
N ASN B 135 7.40 16.47 21.36
CA ASN B 135 7.78 17.87 21.37
C ASN B 135 7.65 18.43 19.98
N PRO B 136 7.46 19.73 19.86
CA PRO B 136 7.43 20.32 18.53
C PRO B 136 8.87 20.14 18.05
N GLY B 137 9.04 19.86 16.78
CA GLY B 137 10.38 19.62 16.27
C GLY B 137 10.72 18.13 16.30
N SER B 138 9.73 17.30 16.67
CA SER B 138 9.87 15.82 16.71
C SER B 138 9.88 15.22 15.30
N ALA B 139 10.51 14.05 15.15
CA ALA B 139 10.55 13.36 13.86
C ALA B 139 10.30 11.87 14.02
N LEU B 140 9.51 11.30 13.11
CA LEU B 140 9.21 9.87 13.08
C LEU B 140 9.86 9.32 11.81
N LEU B 141 10.36 8.09 11.89
CA LEU B 141 11.08 7.47 10.77
C LEU B 141 10.76 5.98 10.65
N THR B 142 10.58 5.51 9.44
CA THR B 142 10.31 4.12 9.27
C THR B 142 11.23 3.62 8.18
N LEU B 143 11.36 2.30 8.05
CA LEU B 143 12.29 1.72 7.09
C LEU B 143 11.53 1.02 5.98
N SER B 144 11.78 1.40 4.75
CA SER B 144 11.06 0.80 3.67
C SER B 144 11.98 0.01 2.77
N TYR B 145 11.49 -0.40 1.60
CA TYR B 145 12.31 -1.13 0.64
C TYR B 145 11.71 -0.98 -0.77
N LEU B 146 12.58 -1.06 -1.79
CA LEU B 146 12.20 -0.89 -3.22
C LEU B 146 11.02 -1.69 -3.68
N GLY B 147 10.81 -2.83 -3.03
CA GLY B 147 9.68 -3.70 -3.34
C GLY B 147 8.35 -2.95 -3.31
N ALA B 148 8.32 -1.78 -2.67
CA ALA B 148 7.10 -0.98 -2.62
C ALA B 148 6.76 -0.34 -3.97
N GLU B 149 7.81 -0.05 -4.75
CA GLU B 149 7.73 0.67 -6.04
C GLU B 149 7.80 -0.26 -7.28
N ARG B 150 8.52 -1.37 -7.14
CA ARG B 150 8.68 -2.32 -8.22
C ARG B 150 8.38 -3.71 -7.76
N ALA B 151 8.00 -4.56 -8.71
CA ALA B 151 7.70 -5.93 -8.43
C ALA B 151 9.03 -6.69 -8.40
N ILE B 152 9.40 -7.19 -7.23
CA ILE B 152 10.63 -7.95 -7.07
C ILE B 152 10.27 -9.39 -6.65
N PRO B 153 10.90 -10.35 -7.31
CA PRO B 153 10.63 -11.75 -7.01
C PRO B 153 10.78 -12.11 -5.53
N ASN B 154 9.86 -12.96 -5.07
CA ASN B 154 9.84 -13.47 -3.69
C ASN B 154 9.46 -12.50 -2.60
N TYR B 155 9.67 -11.20 -2.83
CA TYR B 155 9.31 -10.21 -1.84
C TYR B 155 7.80 -10.23 -1.71
N ASN B 156 7.15 -10.55 -2.81
CA ASN B 156 5.70 -10.77 -2.85
C ASN B 156 4.84 -9.82 -2.01
N VAL B 157 3.97 -10.35 -1.17
CA VAL B 157 3.10 -9.51 -0.37
C VAL B 157 3.74 -8.38 0.47
N MET B 158 5.01 -8.53 0.82
CA MET B 158 5.67 -7.53 1.62
C MET B 158 5.77 -6.29 0.76
N GLY B 159 5.78 -6.52 -0.54
CA GLY B 159 5.87 -5.42 -1.50
C GLY B 159 4.63 -4.55 -1.32
N LEU B 160 3.46 -5.16 -1.29
CA LEU B 160 2.22 -4.42 -1.07
C LEU B 160 2.21 -3.73 0.30
N ALA B 161 2.68 -4.42 1.33
CA ALA B 161 2.71 -3.83 2.67
C ALA B 161 3.63 -2.62 2.76
N LYS B 162 4.74 -2.61 2.03
CA LYS B 162 5.64 -1.46 2.12
C LYS B 162 5.07 -0.25 1.40
N ALA B 163 4.30 -0.55 0.35
CA ALA B 163 3.66 0.49 -0.44
C ALA B 163 2.67 1.18 0.47
N SER B 164 1.92 0.38 1.19
CA SER B 164 0.95 0.91 2.12
C SER B 164 1.72 1.73 3.19
N LEU B 165 2.87 1.21 3.61
CA LEU B 165 3.71 1.89 4.59
C LEU B 165 4.16 3.27 4.06
N GLU B 166 4.67 3.35 2.83
CA GLU B 166 5.10 4.65 2.29
C GLU B 166 3.94 5.62 2.14
N ALA B 167 2.75 5.12 1.93
CA ALA B 167 1.61 6.00 1.87
C ALA B 167 1.33 6.42 3.28
N ASN B 168 1.52 5.52 4.24
CA ASN B 168 1.29 5.93 5.61
C ASN B 168 2.14 7.18 5.96
N VAL B 169 3.40 7.17 5.49
CA VAL B 169 4.37 8.22 5.76
C VAL B 169 3.85 9.55 5.28
N ARG B 170 3.24 9.56 4.10
CA ARG B 170 2.71 10.80 3.53
C ARG B 170 1.47 11.29 4.25
N TYR B 171 0.58 10.36 4.61
CA TYR B 171 -0.66 10.73 5.30
C TYR B 171 -0.35 11.18 6.72
N MET B 172 0.62 10.52 7.33
CA MET B 172 1.04 10.92 8.66
C MET B 172 1.70 12.30 8.63
N ALA B 173 2.61 12.48 7.68
CA ALA B 173 3.32 13.74 7.50
C ALA B 173 2.35 14.90 7.37
N ASN B 174 1.35 14.71 6.53
CA ASN B 174 0.39 15.75 6.26
C ASN B 174 -0.47 16.03 7.48
N ALA B 175 -0.80 15.00 8.24
CA ALA B 175 -1.64 15.19 9.40
C ALA B 175 -0.92 15.82 10.59
N MET B 176 0.34 15.47 10.77
CA MET B 176 1.07 15.93 11.96
C MET B 176 1.96 17.17 11.74
N GLY B 177 2.15 17.54 10.48
CA GLY B 177 3.03 18.66 10.14
C GLY B 177 2.73 19.93 10.94
N PRO B 178 1.47 20.34 10.93
CA PRO B 178 1.06 21.59 11.58
C PRO B 178 1.34 21.56 13.07
N GLU B 179 1.50 20.38 13.65
CA GLU B 179 1.84 20.33 15.07
C GLU B 179 3.34 20.35 15.26
N GLY B 180 4.06 20.30 14.16
CA GLY B 180 5.49 20.37 14.23
C GLY B 180 6.17 19.03 14.28
N VAL B 181 5.49 18.00 13.79
CA VAL B 181 6.11 16.68 13.73
C VAL B 181 6.46 16.33 12.30
N ARG B 182 7.67 15.82 12.06
CA ARG B 182 7.99 15.43 10.69
C ARG B 182 7.97 13.91 10.59
N VAL B 183 7.65 13.39 9.41
CA VAL B 183 7.57 11.95 9.20
C VAL B 183 8.22 11.54 7.89
N ASN B 184 9.22 10.68 7.95
CA ASN B 184 9.90 10.26 6.73
C ASN B 184 10.22 8.80 6.72
N ALA B 185 10.72 8.34 5.59
CA ALA B 185 11.12 6.96 5.47
C ALA B 185 12.39 6.91 4.72
N ILE B 186 13.08 5.78 4.89
CA ILE B 186 14.33 5.51 4.21
C ILE B 186 14.07 4.21 3.52
N SER B 187 14.26 4.20 2.21
CA SER B 187 14.08 2.99 1.44
C SER B 187 15.48 2.47 1.31
N ALA B 188 15.82 1.52 2.16
CA ALA B 188 17.17 0.98 2.16
C ALA B 188 17.38 -0.14 1.18
N GLY B 189 18.61 -0.21 0.67
CA GLY B 189 19.00 -1.28 -0.22
C GLY B 189 19.23 -2.52 0.65
N PRO B 190 19.37 -3.67 -0.01
CA PRO B 190 19.58 -4.93 0.68
C PRO B 190 20.92 -4.87 1.36
N ILE B 191 20.96 -5.31 2.60
CA ILE B 191 22.18 -5.26 3.35
C ILE B 191 22.78 -6.64 3.55
N ARG B 192 24.08 -6.72 3.31
CA ARG B 192 24.74 -8.02 3.43
C ARG B 192 24.92 -8.53 4.86
N THR B 193 24.53 -9.77 5.08
CA THR B 193 24.74 -10.42 6.36
C THR B 193 25.06 -11.90 6.22
N LEU B 194 25.52 -12.48 7.32
CA LEU B 194 25.90 -13.90 7.37
C LEU B 194 24.67 -14.62 7.84
N ALA B 195 23.84 -13.88 8.56
CA ALA B 195 22.62 -14.39 9.10
C ALA B 195 21.87 -14.97 7.94
N ALA B 196 20.67 -15.45 8.20
CA ALA B 196 19.90 -16.00 7.14
C ALA B 196 18.60 -15.25 6.90
N SER B 197 18.23 -15.13 5.64
CA SER B 197 17.01 -14.44 5.29
C SER B 197 15.82 -15.33 5.04
N GLY B 198 14.66 -14.80 5.38
CA GLY B 198 13.42 -15.49 5.15
C GLY B 198 12.95 -15.20 3.72
N ILE B 199 13.58 -14.24 3.05
CA ILE B 199 13.20 -13.92 1.67
C ILE B 199 13.95 -14.86 0.73
N LYS B 200 13.23 -15.74 0.04
CA LYS B 200 13.87 -16.69 -0.89
C LYS B 200 14.89 -16.00 -1.83
N ASP B 201 16.09 -16.60 -1.92
CA ASP B 201 17.17 -16.09 -2.79
C ASP B 201 17.74 -14.69 -2.45
N PHE B 202 17.67 -14.31 -1.19
CA PHE B 202 18.20 -13.01 -0.77
C PHE B 202 19.68 -12.91 -1.16
N ARG B 203 20.43 -13.98 -0.97
CA ARG B 203 21.88 -13.97 -1.30
C ARG B 203 22.15 -13.57 -2.76
N LYS B 204 21.33 -14.09 -3.67
CA LYS B 204 21.46 -13.83 -5.09
C LYS B 204 21.22 -12.35 -5.32
N MET B 205 20.15 -11.88 -4.70
CA MET B 205 19.73 -10.50 -4.79
C MET B 205 20.88 -9.54 -4.37
N LEU B 206 21.60 -9.92 -3.31
CA LEU B 206 22.76 -9.14 -2.84
C LEU B 206 23.82 -9.05 -3.92
N ALA B 207 24.17 -10.21 -4.47
CA ALA B 207 25.22 -10.35 -5.46
C ALA B 207 24.97 -9.47 -6.66
N HIS B 208 23.73 -9.45 -7.07
CA HIS B 208 23.32 -8.68 -8.21
C HIS B 208 23.45 -7.19 -7.90
N CYS B 209 22.90 -6.75 -6.77
CA CYS B 209 22.96 -5.34 -6.40
C CYS B 209 24.38 -4.86 -6.41
N GLU B 210 25.23 -5.62 -5.76
CA GLU B 210 26.62 -5.25 -5.69
C GLU B 210 27.19 -4.91 -7.04
N ALA B 211 26.82 -5.70 -8.04
CA ALA B 211 27.39 -5.55 -9.36
C ALA B 211 26.94 -4.32 -10.08
N VAL B 212 25.66 -4.02 -9.99
CA VAL B 212 25.09 -2.97 -10.78
C VAL B 212 24.84 -1.70 -10.02
N THR B 213 25.07 -1.74 -8.74
CA THR B 213 24.86 -0.55 -7.95
C THR B 213 25.93 0.48 -8.34
N PRO B 214 25.47 1.69 -8.70
CA PRO B 214 26.37 2.76 -9.13
C PRO B 214 27.58 2.90 -8.23
N ILE B 215 27.41 2.90 -6.91
CA ILE B 215 28.60 2.98 -6.05
C ILE B 215 29.30 1.65 -5.91
N ARG B 216 28.81 0.64 -6.63
CA ARG B 216 29.46 -0.69 -6.62
C ARG B 216 29.63 -1.39 -5.28
N ARG B 217 28.65 -1.26 -4.40
CA ARG B 217 28.73 -1.96 -3.13
C ARG B 217 27.38 -1.86 -2.51
N THR B 218 27.07 -2.74 -1.58
CA THR B 218 25.81 -2.67 -0.90
C THR B 218 26.02 -1.68 0.25
N VAL B 219 24.95 -1.07 0.73
CA VAL B 219 25.07 -0.14 1.83
C VAL B 219 25.08 -0.90 3.13
N THR B 220 25.61 -0.26 4.15
CA THR B 220 25.75 -0.86 5.45
C THR B 220 24.77 -0.27 6.45
N ILE B 221 24.72 -0.88 7.62
CA ILE B 221 23.84 -0.35 8.64
C ILE B 221 24.41 0.97 9.15
N GLU B 222 25.69 1.18 8.93
CA GLU B 222 26.26 2.46 9.33
C GLU B 222 25.75 3.51 8.34
N ASP B 223 25.76 3.17 7.05
CA ASP B 223 25.22 4.04 5.98
C ASP B 223 23.79 4.43 6.38
N VAL B 224 22.98 3.43 6.67
CA VAL B 224 21.59 3.67 7.05
C VAL B 224 21.48 4.46 8.35
N GLY B 225 22.27 4.07 9.33
CA GLY B 225 22.25 4.75 10.62
C GLY B 225 22.58 6.23 10.47
N ASN B 226 23.60 6.51 9.68
CA ASN B 226 24.00 7.89 9.47
C ASN B 226 22.87 8.70 8.85
N SER B 227 22.22 8.15 7.83
CA SER B 227 21.09 8.84 7.24
C SER B 227 19.92 9.01 8.22
N ALA B 228 19.64 7.98 9.00
CA ALA B 228 18.53 8.08 9.94
C ALA B 228 18.79 9.20 10.97
N ALA B 229 20.00 9.23 11.50
CA ALA B 229 20.32 10.23 12.49
C ALA B 229 20.04 11.60 11.94
N PHE B 230 20.46 11.82 10.70
CA PHE B 230 20.27 13.12 10.05
C PHE B 230 18.79 13.39 9.86
N LEU B 231 18.07 12.40 9.36
CA LEU B 231 16.65 12.55 9.15
C LEU B 231 15.94 12.78 10.47
N CYS B 232 16.51 12.35 11.57
CA CYS B 232 15.81 12.58 12.81
C CYS B 232 16.24 13.88 13.51
N SER B 233 17.19 14.61 12.92
CA SER B 233 17.67 15.82 13.58
C SER B 233 17.06 17.11 13.06
N ASP B 234 17.39 18.21 13.74
CA ASP B 234 16.90 19.54 13.37
C ASP B 234 17.55 20.02 12.07
N LEU B 235 18.59 19.31 11.66
CA LEU B 235 19.28 19.56 10.40
C LEU B 235 18.39 19.26 9.18
N SER B 236 17.38 18.41 9.35
CA SER B 236 16.50 18.08 8.24
C SER B 236 15.13 18.71 8.43
N ALA B 237 15.10 19.81 9.15
CA ALA B 237 13.85 20.50 9.43
C ALA B 237 12.95 20.78 8.21
N GLY B 238 13.55 20.90 7.01
CA GLY B 238 12.78 21.18 5.79
C GLY B 238 12.35 19.91 5.00
N ILE B 239 12.64 18.73 5.56
CA ILE B 239 12.29 17.48 4.91
C ILE B 239 11.16 16.77 5.69
N SER B 240 10.05 16.55 5.02
CA SER B 240 8.98 15.82 5.63
C SER B 240 8.16 15.07 4.61
N GLY B 241 7.70 13.88 4.98
CA GLY B 241 6.85 13.08 4.11
C GLY B 241 7.63 12.49 2.95
N GLU B 242 8.94 12.39 3.13
CA GLU B 242 9.81 11.91 2.07
C GLU B 242 10.24 10.45 2.25
N VAL B 243 10.46 9.76 1.13
CA VAL B 243 11.02 8.44 1.14
C VAL B 243 12.39 8.60 0.51
N VAL B 244 13.43 8.60 1.34
CA VAL B 244 14.78 8.81 0.86
C VAL B 244 15.39 7.46 0.56
N HIS B 245 15.92 7.32 -0.65
CA HIS B 245 16.52 6.06 -1.03
C HIS B 245 17.95 6.03 -0.62
N VAL B 246 18.28 5.07 0.22
CA VAL B 246 19.63 4.89 0.66
C VAL B 246 20.07 3.52 0.16
N ASP B 247 20.35 3.45 -1.13
CA ASP B 247 20.68 2.19 -1.73
C ASP B 247 21.79 2.34 -2.74
N GLY B 248 22.55 3.42 -2.59
CA GLY B 248 23.71 3.66 -3.44
C GLY B 248 23.38 3.92 -4.93
N GLY B 249 22.16 4.38 -5.21
CA GLY B 249 21.73 4.71 -6.59
C GLY B 249 21.13 3.51 -7.36
N PHE B 250 21.05 2.38 -6.70
CA PHE B 250 20.58 1.21 -7.38
C PHE B 250 19.28 1.43 -8.12
N SER B 251 18.28 1.93 -7.45
CA SER B 251 17.01 2.12 -8.13
C SER B 251 17.00 3.09 -9.35
N ILE B 252 18.05 3.89 -9.55
CA ILE B 252 17.99 4.88 -10.64
C ILE B 252 18.65 4.50 -11.90
N ALA B 253 19.17 3.29 -11.90
CA ALA B 253 19.81 2.76 -13.07
C ALA B 253 19.02 1.64 -13.68
N ALA B 254 19.33 1.42 -14.93
CA ALA B 254 18.74 0.25 -15.59
C ALA B 254 19.75 -0.36 -16.57
N MET B 255 19.71 -1.67 -16.60
CA MET B 255 20.53 -2.53 -17.48
C MET B 255 22.04 -2.28 -17.32
N ASN B 256 22.52 -2.15 -16.10
CA ASN B 256 23.96 -1.90 -15.90
C ASN B 256 24.80 -3.13 -16.23
N GLU B 257 24.12 -4.15 -16.81
CA GLU B 257 24.64 -5.29 -17.57
C GLU B 257 25.86 -6.00 -17.05
PA NAD C . -19.86 2.50 -6.33
O1A NAD C . -20.35 2.70 -4.94
O2A NAD C . -20.77 2.67 -7.54
O5B NAD C . -19.15 1.06 -6.42
C5B NAD C . -18.47 0.39 -5.27
C4B NAD C . -18.86 -1.03 -5.39
O4B NAD C . -18.17 -1.87 -4.40
C3B NAD C . -20.37 -1.40 -5.17
O3B NAD C . -20.91 -1.93 -6.48
C2B NAD C . -20.41 -2.46 -4.06
O2B NAD C . -21.39 -3.40 -4.10
C1B NAD C . -18.99 -3.00 -4.25
N9A NAD C . -18.51 -3.67 -3.10
C8A NAD C . -18.25 -3.15 -1.85
N7A NAD C . -17.95 -4.03 -0.95
C5A NAD C . -18.03 -5.20 -1.56
C6A NAD C . -17.81 -6.49 -1.03
N6A NAD C . -17.53 -6.77 0.19
N1A NAD C . -17.94 -7.45 -1.97
C2A NAD C . -18.24 -7.28 -3.21
N3A NAD C . -18.49 -6.06 -3.75
C4A NAD C . -18.33 -5.02 -2.90
O3 NAD C . -18.64 3.51 -6.53
PN NAD C . -17.64 3.87 -7.77
O1N NAD C . -17.35 5.25 -7.65
O2N NAD C . -18.06 3.23 -9.06
O5D NAD C . -16.40 3.00 -7.26
C5D NAD C . -15.72 2.09 -8.14
C4D NAD C . -14.32 2.03 -7.77
O4D NAD C . -13.70 3.24 -8.46
C3D NAD C . -13.93 2.32 -6.28
O3D NAD C . -12.80 1.54 -6.13
C2D NAD C . -13.58 3.83 -6.17
O2D NAD C . -12.62 4.04 -5.21
C1D NAD C . -12.96 4.00 -7.55
N1N NAD C . -12.86 5.41 -8.09
C2N NAD C . -13.97 6.22 -8.04
C3N NAD C . -13.67 7.52 -8.31
C7N NAD C . -14.97 8.41 -8.25
O7N NAD C . -14.87 9.60 -8.41
N7N NAD C . -16.13 7.80 -8.06
C4N NAD C . -12.44 8.07 -8.60
C5N NAD C . -11.41 7.11 -8.62
C6N NAD C . -11.62 5.80 -8.34
S1 TDB D . -14.63 8.27 -4.86
C7 TDB D . -13.03 8.48 -5.04
C8 TDB D . -12.48 9.69 -5.44
C12 TDB D . -12.26 7.30 -4.75
C13 TDB D . -13.27 6.32 -4.42
C14 TDB D . -14.59 6.73 -4.42
C2 TDB D . -15.68 5.94 -4.07
N2 TDB D . -15.49 4.69 -3.65
N1 TDB D . -14.27 4.19 -3.62
B1 TDB D . -13.12 4.90 -4.04
O1 TDB D . -11.88 4.90 -3.10
S15 TDB D . -14.28 2.78 -2.68
O15 TDB D . -15.53 2.05 -3.20
O16 TDB D . -12.84 2.65 -2.22
C15 TDB D . -14.94 3.25 -1.07
C16 TDB D . -14.55 4.22 -0.16
C17 TDB D . -14.17 5.46 -0.59
PA NAD E . 15.53 -7.52 11.93
O1A NAD E . 14.93 -8.87 11.83
O2A NAD E . 16.81 -7.32 12.68
O5B NAD E . 14.44 -6.51 12.42
C5B NAD E . 12.99 -6.87 12.49
C4B NAD E . 12.54 -6.47 13.83
O4B NAD E . 11.02 -6.45 13.90
C3B NAD E . 12.93 -7.39 15.04
O3B NAD E . 13.70 -6.55 15.98
C2B NAD E . 11.62 -7.92 15.63
O2B NAD E . 11.54 -8.14 16.93
C1B NAD E . 10.67 -6.79 15.19
N9A NAD E . 9.26 -7.21 15.19
C8A NAD E . 8.61 -8.12 14.44
N7A NAD E . 7.33 -8.29 14.73
C5A NAD E . 7.06 -7.53 15.76
C6A NAD E . 5.85 -7.40 16.55
N6A NAD E . 4.76 -8.04 16.38
N1A NAD E . 5.96 -6.50 17.50
C2A NAD E . 7.01 -5.78 17.75
N3A NAD E . 8.20 -5.91 17.08
C4A NAD E . 8.22 -6.83 16.09
O3 NAD E . 15.71 -7.01 10.45
PN NAD E . 16.20 -5.60 9.76
O1N NAD E . 16.87 -5.96 8.57
O2N NAD E . 16.83 -4.69 10.75
O5D NAD E . 14.75 -5.05 9.52
C5D NAD E . 14.44 -3.66 9.77
C4D NAD E . 13.42 -3.11 8.84
O4D NAD E . 14.20 -2.64 7.63
C3D NAD E . 12.35 -4.04 8.17
O3D NAD E . 11.28 -3.14 8.07
C2D NAD E . 12.96 -4.46 6.78
O2D NAD E . 12.00 -4.74 5.84
C1D NAD E . 13.66 -3.15 6.47
N1N NAD E . 14.81 -3.19 5.53
C2N NAD E . 15.86 -4.09 5.70
C3N NAD E . 16.70 -4.13 4.59
C7N NAD E . 17.84 -5.17 4.77
O7N NAD E . 18.64 -5.29 3.83
N7N NAD E . 17.91 -5.83 5.94
C4N NAD E . 16.61 -3.38 3.41
C5N NAD E . 15.52 -2.48 3.42
C6N NAD E . 14.63 -2.40 4.47
S1 TDB F . 15.46 -7.47 4.04
C7 TDB F . 14.81 -6.51 2.85
C8 TDB F . 15.41 -6.19 1.59
C12 TDB F . 13.53 -6.01 3.21
C13 TDB F . 13.27 -6.52 4.53
C14 TDB F . 14.25 -7.31 5.11
C2 TDB F . 14.16 -7.87 6.39
N2 TDB F . 13.06 -7.69 7.12
N1 TDB F . 12.07 -6.97 6.64
B1 TDB F . 12.16 -6.18 5.46
O1 TDB F . 10.95 -6.21 4.46
S15 TDB F . 10.73 -7.22 7.58
O15 TDB F . 11.27 -6.98 8.91
O16 TDB F . 9.59 -6.58 6.88
C15 TDB F . 10.03 -8.87 7.21
C16 TDB F . 9.68 -9.56 6.02
C17 TDB F . 10.65 -9.75 4.99
#